data_8H3X
#
_entry.id   8H3X
#
_cell.length_a   55.663
_cell.length_b   78.212
_cell.length_c   118.132
_cell.angle_alpha   90.000
_cell.angle_beta   90.000
_cell.angle_gamma   90.000
#
_symmetry.space_group_name_H-M   'P 21 21 21'
#
loop_
_entity.id
_entity.type
_entity.pdbx_description
1 polymer Fragilysin
2 polymer 'nanobody 282'
3 non-polymer 'ZINC ION'
4 water water
#
loop_
_entity_poly.entity_id
_entity_poly.type
_entity_poly.pdbx_seq_one_letter_code
_entity_poly.pdbx_strand_id
1 'polypeptide(L)'
;MKNVKLLLMLGTAALLAACSNEADSLTTSIDAPVTASIDLQSVSYTDLATQLNDVSDFGKMIILKDNGFNRQVHVSMDKR
TKIQLDNENVRLFNGRDKDSTSFILGDEFAVLRFYRNGESISYIAYKEAQMMNEIAEFYAAPFKKTRAINEKEAFECIYD
SRTRSAGKDIVSVKINIDKAKKILNLPECDYINDYIKTPQVPHGITESQTRAVPSEPKTVYVICLRENGSTIYPNEVSAQ
MQDAANSVYAVHGLKRYVNFHFVLYTTEYSCPSGDAKEGLEGFTASLKSNPKAEGYDDQIYFLIRWGTWDNKILGMSWFN
SYNVNTASDFEASGMSTTQLMYPGVMAHELGHILGAEHTDNSKDLMYATFTGYLSHLSEKNMDIIAKNLGWEAADGD
;
C
2 'polypeptide(L)'
;QVQLQESGGGLVQPGGSLRLSCAASGFTFSRYTMTWVRQAPGKGLEWVSNINSDGGRTYYADSVKGRFTISRDNTKNTLY
LQMNSLKPEDTAVYYCAIPKRTYVPPSQFDDRGQGTQVTVSSHHHHHH
;
A
#
# COMPACT_ATOMS: atom_id res chain seq x y z
N VAL A 34 18.95 24.28 10.52
CA VAL A 34 19.06 23.24 11.52
C VAL A 34 17.85 22.29 11.42
N THR A 35 16.66 22.84 11.18
CA THR A 35 15.44 22.03 11.15
C THR A 35 15.33 21.23 9.87
N ALA A 36 14.91 19.96 10.02
CA ALA A 36 14.74 19.07 8.89
C ALA A 36 13.61 19.53 7.98
N SER A 37 13.73 19.20 6.70
CA SER A 37 12.73 19.68 5.75
C SER A 37 12.58 18.72 4.59
N ILE A 38 11.43 18.82 3.93
CA ILE A 38 11.08 18.01 2.77
C ILE A 38 10.74 18.99 1.67
N ASP A 39 11.44 18.89 0.54
CA ASP A 39 11.18 19.78 -0.58
C ASP A 39 10.17 19.09 -1.49
N LEU A 40 8.95 19.60 -1.51
CA LEU A 40 7.87 18.96 -2.26
C LEU A 40 8.06 19.09 -3.77
N GLN A 41 8.99 19.94 -4.22
CA GLN A 41 9.35 19.99 -5.63
C GLN A 41 10.24 18.83 -6.07
N SER A 42 10.76 18.02 -5.13
CA SER A 42 11.59 16.89 -5.52
C SER A 42 11.45 15.68 -4.62
N VAL A 43 10.38 15.59 -3.82
CA VAL A 43 10.33 14.60 -2.75
C VAL A 43 10.33 13.18 -3.31
N SER A 44 11.19 12.34 -2.75
CA SER A 44 11.32 10.96 -3.18
C SER A 44 11.01 10.00 -2.04
N TYR A 45 10.96 8.71 -2.38
CA TYR A 45 10.84 7.70 -1.32
C TYR A 45 11.96 7.83 -0.32
N THR A 46 13.20 7.99 -0.79
CA THR A 46 14.29 8.03 0.18
C THR A 46 14.23 9.27 1.06
N ASP A 47 13.78 10.42 0.52
CA ASP A 47 13.56 11.61 1.35
C ASP A 47 12.61 11.31 2.50
N LEU A 48 11.44 10.75 2.16
CA LEU A 48 10.43 10.46 3.18
C LEU A 48 10.95 9.44 4.18
N ALA A 49 11.59 8.38 3.68
CA ALA A 49 12.08 7.35 4.59
C ALA A 49 13.14 7.90 5.54
N THR A 50 14.08 8.70 5.03
CA THR A 50 15.12 9.23 5.92
C THR A 50 14.52 10.14 6.99
N GLN A 51 13.55 10.98 6.62
CA GLN A 51 13.00 11.90 7.60
C GLN A 51 12.15 11.16 8.63
N LEU A 52 11.34 10.21 8.17
CA LEU A 52 10.39 9.56 9.08
C LEU A 52 11.06 8.53 9.96
N ASN A 53 12.12 7.87 9.46
CA ASN A 53 12.85 6.94 10.31
C ASN A 53 13.61 7.65 11.42
N ASP A 54 13.85 8.94 11.29
CA ASP A 54 14.51 9.73 12.32
C ASP A 54 13.55 10.27 13.37
N VAL A 55 12.26 10.00 13.24
CA VAL A 55 11.27 10.44 14.24
C VAL A 55 11.35 9.50 15.44
N SER A 56 11.70 10.05 16.59
CA SER A 56 11.85 9.30 17.82
C SER A 56 10.55 9.35 18.62
N ASP A 57 10.52 8.67 19.77
CA ASP A 57 9.30 8.74 20.58
C ASP A 57 9.00 10.15 21.06
N PHE A 58 9.97 11.05 21.00
CA PHE A 58 9.70 12.43 21.40
C PHE A 58 9.12 13.27 20.28
N GLY A 59 9.04 12.75 19.05
CA GLY A 59 8.55 13.54 17.94
C GLY A 59 9.64 14.43 17.37
N LYS A 60 9.33 15.05 16.23
CA LYS A 60 10.33 15.77 15.44
CA LYS A 60 10.33 15.79 15.47
C LYS A 60 9.63 16.82 14.58
N MET A 61 10.19 18.03 14.54
CA MET A 61 9.68 19.04 13.62
C MET A 61 10.28 18.86 12.23
N ILE A 62 9.41 18.86 11.22
CA ILE A 62 9.78 18.77 9.82
C ILE A 62 9.07 19.90 9.09
N ILE A 63 9.81 20.66 8.28
CA ILE A 63 9.23 21.71 7.45
C ILE A 63 8.90 21.13 6.08
N LEU A 64 7.65 21.32 5.65
CA LEU A 64 7.27 21.02 4.27
C LEU A 64 7.44 22.28 3.44
N LYS A 65 8.26 22.19 2.41
CA LYS A 65 8.57 23.34 1.57
C LYS A 65 8.05 23.14 0.15
N ASP A 66 7.44 24.18 -0.38
CA ASP A 66 7.07 24.27 -1.78
C ASP A 66 7.31 25.71 -2.20
N ASN A 67 6.99 26.04 -3.44
CA ASN A 67 7.14 27.42 -3.88
C ASN A 67 6.30 28.34 -2.99
N GLY A 68 6.97 29.21 -2.24
CA GLY A 68 6.27 30.12 -1.34
C GLY A 68 5.33 29.45 -0.37
N PHE A 69 5.69 28.24 0.10
CA PHE A 69 4.92 27.47 1.06
C PHE A 69 5.90 26.84 2.02
N ASN A 70 5.68 27.02 3.32
CA ASN A 70 6.57 26.49 4.37
C ASN A 70 5.67 26.18 5.56
N ARG A 71 5.38 24.91 5.77
CA ARG A 71 4.57 24.49 6.91
C ARG A 71 5.44 23.68 7.86
N GLN A 72 5.60 24.19 9.08
CA GLN A 72 6.28 23.42 10.11
C GLN A 72 5.31 22.43 10.73
N VAL A 73 5.69 21.17 10.74
CA VAL A 73 4.80 20.11 11.20
C VAL A 73 5.49 19.37 12.33
N HIS A 74 4.82 19.23 13.46
CA HIS A 74 5.34 18.36 14.51
C HIS A 74 4.85 16.96 14.27
N VAL A 75 5.76 16.09 13.89
CA VAL A 75 5.43 14.75 13.45
C VAL A 75 5.66 13.78 14.59
N SER A 76 4.72 12.86 14.78
CA SER A 76 4.87 11.83 15.78
C SER A 76 4.57 10.48 15.17
N MET A 77 5.16 9.46 15.75
CA MET A 77 4.86 8.09 15.42
C MET A 77 3.43 7.79 15.88
N ASP A 78 2.65 7.10 15.05
CA ASP A 78 1.31 6.63 15.44
C ASP A 78 1.48 5.24 16.03
N LYS A 79 1.41 5.13 17.36
CA LYS A 79 1.58 3.84 18.02
C LYS A 79 0.25 3.14 18.31
N ARG A 80 -0.86 3.70 17.84
CA ARG A 80 -2.16 3.08 18.06
C ARG A 80 -2.44 1.96 17.06
N THR A 81 -1.89 2.06 15.86
CA THR A 81 -2.27 1.19 14.75
C THR A 81 -1.04 0.47 14.21
N LYS A 82 -1.23 -0.81 13.92
CA LYS A 82 -0.23 -1.61 13.20
C LYS A 82 -0.84 -2.05 11.87
N ILE A 83 0.01 -2.18 10.85
CA ILE A 83 -0.40 -2.63 9.52
C ILE A 83 0.63 -3.60 8.99
N GLN A 84 0.19 -4.80 8.60
CA GLN A 84 1.00 -5.70 7.77
C GLN A 84 0.29 -5.91 6.44
N LEU A 85 0.94 -5.54 5.35
CA LEU A 85 0.41 -5.88 4.04
C LEU A 85 1.00 -7.21 3.58
N ASP A 86 0.74 -7.62 2.33
CA ASP A 86 1.31 -8.87 1.82
C ASP A 86 2.81 -8.92 2.04
N ASN A 87 3.50 -7.86 1.63
CA ASN A 87 4.95 -7.86 1.45
C ASN A 87 5.68 -6.98 2.45
N GLU A 88 4.98 -6.34 3.40
CA GLU A 88 5.68 -5.33 4.16
C GLU A 88 4.92 -4.94 5.43
N ASN A 89 5.69 -4.54 6.43
CA ASN A 89 5.15 -3.81 7.58
CA ASN A 89 5.10 -3.82 7.55
C ASN A 89 5.01 -2.34 7.21
N VAL A 90 3.95 -1.69 7.67
CA VAL A 90 3.70 -0.30 7.31
C VAL A 90 3.49 0.50 8.59
N ARG A 91 4.17 1.64 8.70
CA ARG A 91 4.10 2.50 9.88
C ARG A 91 3.41 3.81 9.53
N LEU A 92 2.65 4.34 10.48
CA LEU A 92 1.91 5.58 10.29
C LEU A 92 2.48 6.69 11.17
N PHE A 93 2.28 7.93 10.73
CA PHE A 93 2.78 9.10 11.44
C PHE A 93 1.74 10.21 11.40
N ASN A 94 1.66 10.99 12.47
CA ASN A 94 0.71 12.08 12.59
C ASN A 94 1.42 13.42 12.74
N GLY A 95 0.79 14.48 12.21
CA GLY A 95 1.04 15.83 12.65
C GLY A 95 0.07 16.17 13.76
N ARG A 96 0.14 17.39 14.25
CA ARG A 96 -0.87 17.81 15.21
C ARG A 96 -1.62 19.06 14.75
N ASP A 97 -1.68 19.26 13.44
CA ASP A 97 -2.24 20.47 12.86
C ASP A 97 -3.72 20.31 12.52
N LYS A 98 -4.39 21.45 12.34
CA LYS A 98 -5.79 21.42 11.92
C LYS A 98 -5.96 20.90 10.51
N ASP A 99 -4.94 21.01 9.66
CA ASP A 99 -5.01 20.50 8.30
C ASP A 99 -4.62 19.03 8.19
N SER A 100 -4.60 18.32 9.33
CA SER A 100 -4.28 16.90 9.48
C SER A 100 -3.27 16.39 8.47
N THR A 101 -2.04 16.87 8.60
CA THR A 101 -0.90 16.28 7.91
C THR A 101 -0.59 14.91 8.49
N SER A 102 -0.37 13.92 7.61
CA SER A 102 -0.04 12.59 8.09
C SER A 102 0.87 11.90 7.08
N PHE A 103 1.49 10.80 7.51
CA PHE A 103 2.40 10.05 6.65
C PHE A 103 2.15 8.56 6.78
N ILE A 104 2.56 7.82 5.75
CA ILE A 104 2.57 6.36 5.70
C ILE A 104 3.94 5.95 5.20
N LEU A 105 4.58 4.99 5.87
CA LEU A 105 5.90 4.53 5.47
C LEU A 105 5.94 3.01 5.45
N GLY A 106 6.05 2.41 4.28
CA GLY A 106 6.33 1.01 4.14
C GLY A 106 7.75 0.79 3.66
N ASP A 107 8.12 -0.48 3.53
CA ASP A 107 9.39 -0.85 2.91
CA ASP A 107 9.43 -0.70 2.93
C ASP A 107 9.41 -0.49 1.43
N GLU A 108 8.24 -0.49 0.80
CA GLU A 108 8.15 -0.31 -0.64
C GLU A 108 7.68 1.07 -1.07
N PHE A 109 7.14 1.87 -0.17
CA PHE A 109 6.47 3.10 -0.59
C PHE A 109 6.31 4.02 0.62
N ALA A 110 6.03 5.28 0.33
CA ALA A 110 5.76 6.27 1.37
C ALA A 110 4.69 7.22 0.86
N VAL A 111 3.90 7.76 1.78
CA VAL A 111 2.85 8.73 1.43
C VAL A 111 2.94 9.90 2.39
N LEU A 112 2.83 11.11 1.84
CA LEU A 112 2.54 12.31 2.63
C LEU A 112 1.16 12.84 2.22
N ARG A 113 0.27 13.03 3.18
CA ARG A 113 -1.04 13.62 2.87
C ARG A 113 -1.31 14.80 3.78
N PHE A 114 -1.89 15.85 3.20
CA PHE A 114 -2.26 17.00 4.02
C PHE A 114 -3.31 17.80 3.26
N TYR A 115 -3.97 18.70 3.98
CA TYR A 115 -4.89 19.62 3.36
C TYR A 115 -4.22 20.97 3.22
N ARG A 116 -4.50 21.63 2.11
CA ARG A 116 -3.94 22.94 1.80
C ARG A 116 -5.03 23.74 1.14
N ASN A 117 -5.35 24.91 1.70
CA ASN A 117 -6.37 25.79 1.15
C ASN A 117 -7.68 25.04 0.92
N GLY A 118 -7.98 24.13 1.84
CA GLY A 118 -9.24 23.42 1.83
C GLY A 118 -9.24 22.09 1.10
N GLU A 119 -8.19 21.74 0.35
CA GLU A 119 -8.16 20.54 -0.49
C GLU A 119 -7.11 19.53 -0.04
N SER A 120 -7.43 18.24 -0.18
CA SER A 120 -6.50 17.20 0.26
C SER A 120 -5.49 16.92 -0.85
N ILE A 121 -4.22 16.81 -0.47
CA ILE A 121 -3.12 16.56 -1.39
C ILE A 121 -2.36 15.35 -0.89
N SER A 122 -2.10 14.41 -1.79
CA SER A 122 -1.27 13.25 -1.49
C SER A 122 0.00 13.32 -2.32
N TYR A 123 1.14 13.07 -1.69
CA TYR A 123 2.39 12.79 -2.37
C TYR A 123 2.71 11.32 -2.17
N ILE A 124 2.86 10.59 -3.27
CA ILE A 124 2.97 9.14 -3.28
C ILE A 124 4.29 8.76 -3.94
N ALA A 125 5.15 8.05 -3.19
CA ALA A 125 6.52 7.80 -3.63
C ALA A 125 6.87 6.33 -3.42
N TYR A 126 7.17 5.63 -4.50
CA TYR A 126 7.59 4.24 -4.38
C TYR A 126 9.11 4.09 -4.47
N LYS A 127 9.62 3.05 -3.80
CA LYS A 127 11.07 2.86 -3.67
C LYS A 127 11.68 2.34 -4.97
N GLU A 128 11.08 1.34 -5.61
CA GLU A 128 11.62 0.81 -6.86
C GLU A 128 11.23 1.73 -8.00
N ALA A 129 12.22 2.15 -8.78
CA ALA A 129 11.96 3.09 -9.86
C ALA A 129 10.90 2.55 -10.81
N GLN A 130 10.94 1.23 -11.09
CA GLN A 130 9.97 0.73 -12.05
C GLN A 130 8.56 0.71 -11.47
N MET A 131 8.43 0.51 -10.15
CA MET A 131 7.08 0.46 -9.64
C MET A 131 6.56 1.90 -9.49
N MET A 132 7.46 2.86 -9.20
CA MET A 132 7.08 4.26 -9.30
C MET A 132 6.60 4.60 -10.71
N ASN A 133 7.30 4.12 -11.74
CA ASN A 133 6.85 4.37 -13.11
C ASN A 133 5.47 3.77 -13.35
N GLU A 134 5.23 2.55 -12.87
CA GLU A 134 3.93 1.90 -12.99
C GLU A 134 2.84 2.73 -12.32
N ILE A 135 3.12 3.20 -11.09
CA ILE A 135 2.15 3.98 -10.32
C ILE A 135 1.86 5.30 -11.01
N ALA A 136 2.89 5.99 -11.48
CA ALA A 136 2.67 7.26 -12.16
C ALA A 136 1.81 7.08 -13.40
N GLU A 137 2.10 6.05 -14.19
CA GLU A 137 1.31 5.77 -15.39
C GLU A 137 -0.14 5.51 -15.03
N PHE A 138 -0.34 4.74 -13.95
CA PHE A 138 -1.67 4.41 -13.46
C PHE A 138 -2.45 5.68 -13.12
N TYR A 139 -1.83 6.58 -12.36
CA TYR A 139 -2.55 7.78 -11.93
C TYR A 139 -2.68 8.81 -13.04
N ALA A 140 -1.76 8.81 -14.01
CA ALA A 140 -1.87 9.70 -15.15
C ALA A 140 -2.97 9.30 -16.12
N ALA A 141 -3.35 8.02 -16.15
CA ALA A 141 -4.23 7.53 -17.21
C ALA A 141 -5.58 8.24 -17.27
N PRO A 142 -6.29 8.50 -16.17
CA PRO A 142 -7.58 9.21 -16.31
C PRO A 142 -7.46 10.58 -16.95
N PHE A 143 -6.30 11.22 -16.88
CA PHE A 143 -6.14 12.55 -17.45
C PHE A 143 -5.69 12.52 -18.90
N LYS A 144 -5.57 11.33 -19.51
CA LYS A 144 -5.08 11.25 -20.88
C LYS A 144 -6.06 11.91 -21.84
N LYS A 145 -7.34 11.54 -21.75
CA LYS A 145 -8.36 12.13 -22.61
C LYS A 145 -8.35 13.65 -22.49
N THR A 146 -8.54 14.15 -21.28
CA THR A 146 -8.57 15.59 -21.04
C THR A 146 -7.21 16.21 -21.35
N ARG A 147 -7.24 17.44 -21.84
CA ARG A 147 -6.03 18.23 -21.98
C ARG A 147 -6.19 19.51 -21.18
N ALA A 148 -6.53 19.36 -19.90
CA ALA A 148 -6.88 20.51 -19.06
C ALA A 148 -5.67 21.44 -18.89
N ILE A 149 -5.94 22.75 -18.97
CA ILE A 149 -4.88 23.74 -18.87
C ILE A 149 -4.23 23.70 -17.49
N ASN A 150 -5.01 23.42 -16.45
CA ASN A 150 -4.55 23.36 -15.08
C ASN A 150 -4.32 21.93 -14.60
N GLU A 151 -3.95 21.02 -15.51
CA GLU A 151 -3.77 19.62 -15.12
C GLU A 151 -2.85 19.48 -13.92
N LYS A 152 -1.72 20.23 -13.90
CA LYS A 152 -0.73 20.02 -12.84
C LYS A 152 -1.25 20.33 -11.45
N GLU A 153 -2.27 21.18 -11.33
CA GLU A 153 -2.89 21.41 -10.03
C GLU A 153 -3.49 20.12 -9.49
N ALA A 154 -4.04 19.28 -10.36
CA ALA A 154 -4.71 18.03 -9.99
C ALA A 154 -3.76 16.84 -9.92
N PHE A 155 -2.80 16.77 -10.85
CA PHE A 155 -1.92 15.63 -10.95
C PHE A 155 -0.58 16.09 -11.51
N GLU A 156 0.50 15.74 -10.85
CA GLU A 156 1.82 16.16 -11.29
C GLU A 156 2.85 15.08 -10.98
N CYS A 157 3.64 14.71 -11.98
CA CYS A 157 4.82 13.88 -11.72
C CYS A 157 5.95 14.77 -11.19
N ILE A 158 6.52 14.35 -10.07
CA ILE A 158 7.61 15.04 -9.40
C ILE A 158 8.89 14.35 -9.83
N TYR A 159 9.87 15.12 -10.29
CA TYR A 159 11.09 14.55 -10.86
C TYR A 159 12.27 14.70 -9.91
N ASP A 160 13.24 13.81 -10.08
CA ASP A 160 14.39 13.79 -9.20
C ASP A 160 15.14 15.11 -9.32
N SER A 161 15.67 15.56 -8.19
CA SER A 161 16.12 16.94 -7.99
C SER A 161 16.95 17.51 -9.14
N ARG A 162 18.27 17.31 -9.08
CA ARG A 162 19.18 17.97 -10.00
C ARG A 162 19.25 17.25 -11.35
N GLY A 167 16.66 12.90 -19.76
CA GLY A 167 15.43 12.51 -19.13
C GLY A 167 15.53 12.24 -17.63
N LYS A 168 14.74 12.95 -16.85
CA LYS A 168 14.72 12.72 -15.41
C LYS A 168 13.70 11.62 -15.05
N ASP A 169 13.91 11.01 -13.89
CA ASP A 169 13.02 9.97 -13.41
C ASP A 169 11.95 10.58 -12.51
N ILE A 170 10.77 9.98 -12.56
CA ILE A 170 9.71 10.30 -11.61
C ILE A 170 10.07 9.71 -10.26
N VAL A 171 10.07 10.55 -9.22
CA VAL A 171 10.33 10.07 -7.87
C VAL A 171 9.10 10.13 -6.96
N SER A 172 8.05 10.87 -7.33
CA SER A 172 6.78 10.81 -6.63
C SER A 172 5.72 11.38 -7.56
N VAL A 173 4.45 11.22 -7.18
CA VAL A 173 3.36 11.92 -7.85
C VAL A 173 2.53 12.67 -6.82
N LYS A 174 2.08 13.84 -7.21
CA LYS A 174 1.22 14.69 -6.40
C LYS A 174 -0.20 14.59 -6.97
N ILE A 175 -1.16 14.30 -6.10
CA ILE A 175 -2.56 14.23 -6.52
C ILE A 175 -3.41 15.07 -5.59
N ASN A 176 -4.18 15.97 -6.17
CA ASN A 176 -5.15 16.78 -5.46
C ASN A 176 -6.51 16.26 -5.93
N ILE A 177 -7.15 15.42 -5.12
CA ILE A 177 -8.34 14.75 -5.63
C ILE A 177 -9.50 15.72 -5.81
N ASP A 178 -9.51 16.84 -5.08
CA ASP A 178 -10.58 17.82 -5.26
C ASP A 178 -10.44 18.49 -6.62
N LYS A 179 -9.23 18.87 -7.01
CA LYS A 179 -9.07 19.48 -8.32
C LYS A 179 -9.18 18.44 -9.42
N ALA A 180 -8.82 17.19 -9.13
CA ALA A 180 -8.98 16.13 -10.13
C ALA A 180 -10.45 15.89 -10.43
N LYS A 181 -11.29 15.84 -9.40
CA LYS A 181 -12.73 15.66 -9.60
C LYS A 181 -13.31 16.79 -10.44
N LYS A 182 -12.87 18.03 -10.21
CA LYS A 182 -13.35 19.13 -11.02
C LYS A 182 -12.96 18.95 -12.48
N ILE A 183 -11.77 18.39 -12.73
CA ILE A 183 -11.27 18.26 -14.10
C ILE A 183 -11.89 17.05 -14.77
N LEU A 184 -11.93 15.91 -14.08
CA LEU A 184 -12.37 14.67 -14.71
C LEU A 184 -13.88 14.63 -14.87
N ASN A 185 -14.60 15.19 -13.90
CA ASN A 185 -16.06 15.24 -13.88
C ASN A 185 -16.63 13.85 -14.19
N LEU A 186 -16.36 12.93 -13.27
CA LEU A 186 -16.85 11.56 -13.32
C LEU A 186 -18.19 11.46 -12.60
N PRO A 187 -19.01 10.46 -12.94
CA PRO A 187 -20.25 10.27 -12.18
C PRO A 187 -19.93 9.82 -10.76
N GLU A 188 -20.68 10.36 -9.81
CA GLU A 188 -20.39 10.09 -8.40
C GLU A 188 -20.81 8.69 -7.99
N CYS A 189 -19.95 8.02 -7.23
CA CYS A 189 -20.31 6.78 -6.53
C CYS A 189 -20.88 7.14 -5.17
N ASP A 190 -21.64 6.21 -4.57
CA ASP A 190 -22.29 6.55 -3.30
C ASP A 190 -22.41 5.31 -2.42
N TYR A 191 -23.21 5.44 -1.35
CA TYR A 191 -23.38 4.41 -0.33
C TYR A 191 -24.84 4.01 -0.15
N ILE A 192 -25.74 4.35 -1.06
CA ILE A 192 -27.15 4.11 -0.76
C ILE A 192 -27.37 2.60 -0.65
N ASN A 193 -28.00 2.18 0.45
CA ASN A 193 -28.26 0.76 0.72
C ASN A 193 -26.97 -0.06 0.79
N ASP A 194 -25.99 0.43 1.57
CA ASP A 194 -24.70 -0.25 1.65
C ASP A 194 -24.54 -1.05 2.94
N TYR A 195 -25.65 -1.55 3.50
CA TYR A 195 -25.52 -2.42 4.66
C TYR A 195 -26.68 -3.39 4.69
N ILE A 196 -26.50 -4.44 5.49
CA ILE A 196 -27.54 -5.42 5.76
C ILE A 196 -27.85 -5.35 7.24
N LYS A 197 -29.08 -5.00 7.59
CA LYS A 197 -29.50 -4.97 8.99
C LYS A 197 -30.13 -6.30 9.36
N THR A 198 -29.99 -6.68 10.63
CA THR A 198 -30.48 -7.92 11.19
C THR A 198 -31.21 -7.62 12.49
N PRO A 199 -32.10 -8.52 12.93
CA PRO A 199 -32.81 -8.30 14.20
C PRO A 199 -31.89 -7.92 15.36
N GLN A 200 -32.33 -6.94 16.14
CA GLN A 200 -31.47 -6.30 17.14
C GLN A 200 -31.12 -7.27 18.26
N VAL A 201 -29.89 -7.14 18.76
CA VAL A 201 -29.43 -8.07 19.82
C VAL A 201 -30.28 -7.87 21.08
N PRO A 202 -30.63 -8.93 21.81
CA PRO A 202 -31.20 -8.76 23.15
C PRO A 202 -30.13 -8.31 24.15
N HIS A 203 -30.55 -7.52 25.13
CA HIS A 203 -29.63 -6.95 26.12
C HIS A 203 -29.31 -7.98 27.20
N GLY A 204 -28.12 -8.57 27.10
CA GLY A 204 -27.63 -9.52 28.07
C GLY A 204 -26.28 -10.07 27.64
N SER A 208 -24.21 -5.18 32.08
CA SER A 208 -23.70 -5.89 33.26
C SER A 208 -22.29 -6.41 33.01
N GLN A 209 -21.84 -6.27 31.76
CA GLN A 209 -20.48 -6.58 31.37
C GLN A 209 -19.59 -5.34 31.27
N THR A 210 -20.17 -4.16 31.37
CA THR A 210 -19.40 -2.94 31.13
C THR A 210 -18.39 -2.73 32.25
N ARG A 211 -17.23 -2.19 31.89
CA ARG A 211 -16.20 -1.92 32.86
C ARG A 211 -15.63 -0.52 32.60
N ALA A 212 -14.76 -0.08 33.51
CA ALA A 212 -14.09 1.19 33.34
C ALA A 212 -13.06 1.05 32.22
N VAL A 213 -12.23 2.09 32.07
CA VAL A 213 -11.17 2.05 31.08
C VAL A 213 -10.26 0.86 31.35
N PRO A 214 -9.98 -0.01 30.38
CA PRO A 214 -9.06 -1.13 30.65
C PRO A 214 -7.64 -0.61 30.90
N SER A 215 -6.80 -1.48 31.49
CA SER A 215 -5.43 -1.08 31.77
C SER A 215 -4.62 -0.91 30.48
N GLU A 216 -5.00 -1.62 29.43
CA GLU A 216 -4.44 -1.50 28.10
C GLU A 216 -5.58 -1.57 27.10
N PRO A 217 -5.45 -0.90 25.96
CA PRO A 217 -6.47 -1.05 24.91
C PRO A 217 -6.55 -2.49 24.44
N LYS A 218 -7.76 -2.91 24.07
CA LYS A 218 -7.94 -4.22 23.44
C LYS A 218 -7.40 -4.17 22.01
N THR A 219 -6.66 -5.20 21.61
CA THR A 219 -6.22 -5.28 20.21
C THR A 219 -7.33 -5.90 19.37
N VAL A 220 -7.80 -5.16 18.36
CA VAL A 220 -8.81 -5.68 17.44
C VAL A 220 -8.17 -5.77 16.08
N TYR A 221 -8.15 -6.98 15.51
CA TYR A 221 -7.61 -7.16 14.17
C TYR A 221 -8.66 -6.81 13.13
N VAL A 222 -8.21 -6.14 12.07
CA VAL A 222 -9.02 -5.85 10.90
C VAL A 222 -8.35 -6.62 9.78
N ILE A 223 -8.90 -7.79 9.48
CA ILE A 223 -8.28 -8.73 8.56
C ILE A 223 -8.87 -8.41 7.18
N CYS A 224 -8.03 -7.87 6.31
CA CYS A 224 -8.42 -7.46 4.97
C CYS A 224 -7.95 -8.51 3.98
N LEU A 225 -8.82 -8.88 3.05
CA LEU A 225 -8.56 -9.91 2.06
C LEU A 225 -8.69 -9.30 0.68
N ARG A 226 -7.60 -9.32 -0.09
CA ARG A 226 -7.59 -8.84 -1.45
C ARG A 226 -8.43 -9.76 -2.32
N GLU A 227 -9.51 -9.22 -2.89
CA GLU A 227 -10.40 -10.06 -3.68
C GLU A 227 -9.66 -10.70 -4.84
N ASN A 228 -9.99 -11.96 -5.11
CA ASN A 228 -9.34 -12.71 -6.18
C ASN A 228 -9.48 -11.98 -7.50
N GLY A 229 -8.35 -11.80 -8.18
CA GLY A 229 -8.32 -11.09 -9.45
C GLY A 229 -8.24 -9.60 -9.35
N SER A 230 -8.02 -9.05 -8.16
CA SER A 230 -7.97 -7.60 -7.98
C SER A 230 -6.52 -7.16 -7.84
N THR A 231 -6.21 -5.99 -8.37
CA THR A 231 -4.91 -5.37 -8.19
C THR A 231 -5.10 -4.17 -7.27
N ILE A 232 -4.44 -4.22 -6.11
CA ILE A 232 -4.51 -3.20 -5.06
C ILE A 232 -3.12 -2.63 -4.85
N TYR A 233 -3.02 -1.32 -4.82
CA TYR A 233 -1.68 -0.83 -4.57
C TYR A 233 -1.51 -0.48 -3.10
N PRO A 234 -0.33 -0.69 -2.51
CA PRO A 234 -0.22 -0.53 -1.05
C PRO A 234 -0.52 0.88 -0.56
N ASN A 235 -0.17 1.93 -1.33
CA ASN A 235 -0.52 3.28 -0.87
C ASN A 235 -2.02 3.45 -0.73
N GLU A 236 -2.80 2.79 -1.59
CA GLU A 236 -4.24 2.98 -1.59
C GLU A 236 -4.89 2.24 -0.43
N VAL A 237 -4.53 0.97 -0.23
CA VAL A 237 -5.11 0.23 0.88
C VAL A 237 -4.69 0.84 2.22
N SER A 238 -3.41 1.24 2.36
CA SER A 238 -2.96 1.74 3.64
CA SER A 238 -2.93 1.75 3.63
C SER A 238 -3.65 3.04 4.00
N ALA A 239 -3.87 3.92 3.03
CA ALA A 239 -4.57 5.16 3.35
C ALA A 239 -5.96 4.88 3.91
N GLN A 240 -6.69 3.93 3.30
CA GLN A 240 -8.02 3.56 3.78
C GLN A 240 -7.95 3.03 5.20
N MET A 241 -6.97 2.16 5.48
CA MET A 241 -6.84 1.63 6.84
C MET A 241 -6.56 2.73 7.85
N GLN A 242 -5.64 3.62 7.52
CA GLN A 242 -5.33 4.73 8.42
C GLN A 242 -6.57 5.56 8.69
N ASP A 243 -7.32 5.90 7.63
CA ASP A 243 -8.51 6.74 7.83
C ASP A 243 -9.58 6.00 8.62
N ALA A 244 -9.69 4.69 8.44
CA ALA A 244 -10.64 3.90 9.19
C ALA A 244 -10.32 3.88 10.68
N ALA A 245 -9.10 3.49 11.04
CA ALA A 245 -8.73 3.48 12.45
C ALA A 245 -8.87 4.87 13.05
N ASN A 246 -8.43 5.90 12.34
CA ASN A 246 -8.44 7.23 12.93
C ASN A 246 -9.84 7.76 13.13
N SER A 247 -10.80 7.33 12.30
CA SER A 247 -12.19 7.77 12.49
C SER A 247 -12.76 7.25 13.79
N VAL A 248 -12.24 6.11 14.28
CA VAL A 248 -12.69 5.55 15.55
C VAL A 248 -11.97 6.21 16.71
N TYR A 249 -10.64 6.39 16.61
CA TYR A 249 -9.90 6.95 17.74
C TYR A 249 -10.36 8.37 18.06
N ALA A 250 -10.81 9.12 17.04
CA ALA A 250 -11.25 10.50 17.27
C ALA A 250 -12.53 10.56 18.12
N VAL A 251 -13.20 9.44 18.35
CA VAL A 251 -14.48 9.41 19.06
C VAL A 251 -14.21 8.97 20.50
N HIS A 252 -14.70 9.76 21.46
CA HIS A 252 -14.72 9.40 22.90
C HIS A 252 -13.37 8.86 23.40
N GLY A 253 -12.27 9.40 22.90
CA GLY A 253 -10.96 8.94 23.35
C GLY A 253 -10.79 7.43 23.28
N LEU A 254 -11.22 6.82 22.18
CA LEU A 254 -11.33 5.37 22.11
C LEU A 254 -9.99 4.67 21.98
N LYS A 255 -8.88 5.38 21.75
CA LYS A 255 -7.60 4.69 21.79
C LYS A 255 -7.33 4.08 23.16
N ARG A 256 -8.02 4.55 24.21
CA ARG A 256 -7.91 3.89 25.51
C ARG A 256 -8.53 2.50 25.49
N TYR A 257 -9.46 2.24 24.57
CA TYR A 257 -10.23 1.00 24.53
C TYR A 257 -9.80 0.05 23.44
N VAL A 258 -9.36 0.56 22.30
CA VAL A 258 -9.05 -0.25 21.12
CA VAL A 258 -9.00 -0.28 21.16
C VAL A 258 -7.75 0.24 20.50
N ASN A 259 -6.96 -0.71 20.01
CA ASN A 259 -5.85 -0.44 19.09
C ASN A 259 -6.09 -1.39 17.92
N PHE A 260 -6.17 -0.87 16.70
CA PHE A 260 -6.42 -1.71 15.55
C PHE A 260 -5.13 -2.27 14.98
N HIS A 261 -5.18 -3.53 14.55
CA HIS A 261 -4.04 -4.18 13.89
C HIS A 261 -4.54 -4.74 12.56
N PHE A 262 -4.15 -4.08 11.46
CA PHE A 262 -4.61 -4.50 10.15
C PHE A 262 -3.65 -5.55 9.59
N VAL A 263 -4.22 -6.55 8.89
CA VAL A 263 -3.47 -7.57 8.18
C VAL A 263 -4.10 -7.76 6.81
N LEU A 264 -3.27 -7.87 5.77
CA LEU A 264 -3.79 -8.03 4.41
C LEU A 264 -3.27 -9.33 3.82
N TYR A 265 -4.18 -10.27 3.51
CA TYR A 265 -3.87 -11.46 2.74
C TYR A 265 -4.68 -11.52 1.45
N THR A 266 -4.30 -12.46 0.60
CA THR A 266 -5.09 -12.74 -0.58
C THR A 266 -6.14 -13.80 -0.25
N THR A 267 -7.26 -13.75 -0.98
CA THR A 267 -8.26 -14.78 -0.85
C THR A 267 -8.64 -15.32 -2.22
N GLU A 268 -9.02 -16.58 -2.26
CA GLU A 268 -9.54 -17.14 -3.50
C GLU A 268 -10.97 -16.69 -3.80
N TYR A 269 -11.64 -16.07 -2.84
CA TYR A 269 -13.00 -15.61 -3.05
C TYR A 269 -13.05 -14.39 -3.97
N SER A 270 -14.04 -14.38 -4.85
CA SER A 270 -14.44 -13.17 -5.56
C SER A 270 -15.97 -13.15 -5.61
N CYS A 271 -16.54 -11.94 -5.64
CA CYS A 271 -17.98 -11.80 -5.66
C CYS A 271 -18.52 -12.42 -6.95
N PRO A 272 -19.56 -13.26 -6.88
CA PRO A 272 -20.03 -13.94 -8.09
C PRO A 272 -20.67 -13.02 -9.12
N SER A 273 -21.17 -11.85 -8.73
CA SER A 273 -21.65 -10.86 -9.69
C SER A 273 -21.26 -9.48 -9.17
N GLY A 274 -21.84 -8.45 -9.76
CA GLY A 274 -21.67 -7.11 -9.26
C GLY A 274 -22.58 -6.75 -8.11
N ASP A 275 -23.45 -7.66 -7.70
CA ASP A 275 -24.33 -7.41 -6.55
C ASP A 275 -23.54 -7.35 -5.25
N ALA A 276 -23.62 -6.20 -4.58
CA ALA A 276 -22.86 -6.00 -3.34
C ALA A 276 -23.43 -6.82 -2.19
N LYS A 277 -24.75 -6.86 -2.04
CA LYS A 277 -25.34 -7.63 -0.94
C LYS A 277 -24.98 -9.11 -1.07
N GLU A 278 -25.26 -9.68 -2.24
CA GLU A 278 -24.80 -11.02 -2.59
C GLU A 278 -23.30 -11.20 -2.39
N GLY A 279 -22.51 -10.19 -2.76
CA GLY A 279 -21.07 -10.33 -2.64
C GLY A 279 -20.64 -10.49 -1.20
N LEU A 280 -21.22 -9.68 -0.30
CA LEU A 280 -20.90 -9.76 1.12
C LEU A 280 -21.36 -11.08 1.71
N GLU A 281 -22.57 -11.52 1.38
CA GLU A 281 -23.07 -12.79 1.90
C GLU A 281 -22.15 -13.94 1.53
N GLY A 282 -21.67 -13.95 0.28
CA GLY A 282 -20.67 -14.95 -0.11
C GLY A 282 -19.33 -14.76 0.57
N PHE A 283 -18.92 -13.50 0.80
CA PHE A 283 -17.65 -13.25 1.47
C PHE A 283 -17.67 -13.80 2.89
N THR A 284 -18.70 -13.44 3.66
CA THR A 284 -18.80 -13.96 5.02
C THR A 284 -18.81 -15.48 5.03
N ALA A 285 -19.51 -16.10 4.08
CA ALA A 285 -19.48 -17.57 4.01
C ALA A 285 -18.09 -18.10 3.71
N SER A 286 -17.30 -17.37 2.91
CA SER A 286 -15.96 -17.85 2.57
C SER A 286 -15.02 -17.80 3.78
N LEU A 287 -15.31 -16.94 4.76
CA LEU A 287 -14.43 -16.89 5.92
C LEU A 287 -14.59 -18.14 6.77
N LYS A 288 -15.77 -18.75 6.73
CA LYS A 288 -16.04 -19.91 7.56
C LYS A 288 -15.36 -21.17 7.06
N SER A 289 -14.98 -21.23 5.78
CA SER A 289 -14.29 -22.38 5.21
C SER A 289 -12.81 -22.12 5.01
N ASN A 290 -12.26 -21.10 5.67
CA ASN A 290 -10.84 -20.83 5.59
C ASN A 290 -10.19 -21.42 6.83
N PRO A 291 -9.51 -22.57 6.73
CA PRO A 291 -8.86 -23.14 7.93
C PRO A 291 -7.90 -22.20 8.60
N LYS A 292 -7.33 -21.24 7.88
CA LYS A 292 -6.43 -20.29 8.50
C LYS A 292 -7.16 -19.33 9.42
N ALA A 293 -8.42 -19.01 9.11
CA ALA A 293 -9.17 -18.04 9.90
C ALA A 293 -9.78 -18.64 11.16
N GLU A 294 -9.70 -19.95 11.34
CA GLU A 294 -10.19 -20.57 12.56
C GLU A 294 -9.50 -19.97 13.77
N GLY A 295 -10.30 -19.64 14.76
CA GLY A 295 -9.81 -19.00 15.96
C GLY A 295 -9.97 -17.51 15.97
N TYR A 296 -10.32 -16.88 14.84
CA TYR A 296 -10.46 -15.43 14.75
C TYR A 296 -11.83 -15.02 14.25
N ASP A 297 -12.86 -15.79 14.64
CA ASP A 297 -14.22 -15.45 14.24
C ASP A 297 -14.74 -14.20 14.95
N ASP A 298 -13.97 -13.66 15.91
CA ASP A 298 -14.33 -12.51 16.72
C ASP A 298 -13.61 -11.24 16.30
N GLN A 299 -13.01 -11.23 15.13
CA GLN A 299 -12.29 -10.06 14.62
C GLN A 299 -13.12 -9.39 13.53
N ILE A 300 -12.57 -8.33 12.92
CA ILE A 300 -13.27 -7.57 11.88
C ILE A 300 -12.63 -7.92 10.54
N TYR A 301 -13.46 -8.10 9.50
CA TYR A 301 -13.00 -8.57 8.19
C TYR A 301 -13.52 -7.66 7.08
N PHE A 302 -12.62 -7.31 6.14
CA PHE A 302 -13.00 -6.59 4.92
C PHE A 302 -12.49 -7.32 3.69
N LEU A 303 -13.37 -7.49 2.70
CA LEU A 303 -12.98 -7.85 1.35
C LEU A 303 -12.69 -6.56 0.61
N ILE A 304 -11.51 -6.44 0.00
CA ILE A 304 -11.14 -5.19 -0.64
C ILE A 304 -10.86 -5.40 -2.13
N ARG A 305 -11.25 -4.41 -2.91
CA ARG A 305 -11.04 -4.39 -4.35
C ARG A 305 -10.74 -2.96 -4.74
N TRP A 306 -10.28 -2.78 -5.97
CA TRP A 306 -10.06 -1.41 -6.45
C TRP A 306 -11.37 -0.77 -6.89
N GLY A 307 -12.19 -1.51 -7.62
CA GLY A 307 -13.41 -0.98 -8.19
C GLY A 307 -14.55 -0.88 -7.20
N THR A 308 -15.73 -0.70 -7.76
CA THR A 308 -16.96 -0.56 -7.00
C THR A 308 -17.93 -1.68 -7.43
N TRP A 309 -19.12 -1.68 -6.85
CA TRP A 309 -20.13 -2.70 -7.15
C TRP A 309 -21.26 -2.08 -7.99
N ASP A 310 -22.24 -2.91 -8.37
CA ASP A 310 -23.37 -2.45 -9.17
C ASP A 310 -24.07 -1.28 -8.50
N ASN A 311 -24.70 -0.44 -9.31
CA ASN A 311 -25.31 0.80 -8.84
C ASN A 311 -24.30 1.71 -8.16
N LYS A 312 -23.03 1.52 -8.54
CA LYS A 312 -21.90 2.33 -8.11
C LYS A 312 -21.83 2.40 -6.57
N ILE A 313 -22.09 1.27 -5.94
CA ILE A 313 -21.97 1.12 -4.50
C ILE A 313 -20.50 0.99 -4.13
N LEU A 314 -20.06 1.75 -3.13
CA LEU A 314 -18.64 1.83 -2.77
C LEU A 314 -18.19 0.76 -1.78
N GLY A 315 -19.09 0.13 -1.07
CA GLY A 315 -18.75 -0.82 -0.02
C GLY A 315 -20.04 -1.37 0.54
N MET A 316 -19.90 -2.27 1.50
CA MET A 316 -21.04 -3.03 2.00
C MET A 316 -20.66 -3.56 3.38
N SER A 317 -21.63 -3.65 4.29
CA SER A 317 -21.27 -4.10 5.63
C SER A 317 -22.46 -4.76 6.30
N TRP A 318 -22.16 -5.64 7.25
CA TRP A 318 -23.21 -6.10 8.17
C TRP A 318 -23.38 -5.04 9.26
N PHE A 319 -24.59 -4.51 9.38
CA PHE A 319 -24.83 -3.36 10.25
C PHE A 319 -24.79 -3.78 11.72
N ASN A 320 -24.07 -3.01 12.53
CA ASN A 320 -24.02 -3.24 13.99
C ASN A 320 -23.69 -4.69 14.31
N SER A 321 -22.55 -5.14 13.77
CA SER A 321 -22.15 -6.54 13.83
C SER A 321 -20.90 -6.77 14.66
N TYR A 322 -20.30 -5.74 15.23
CA TYR A 322 -19.14 -5.91 16.11
C TYR A 322 -19.45 -5.32 17.47
N ASN A 323 -19.31 -6.15 18.52
CA ASN A 323 -19.30 -5.69 19.91
C ASN A 323 -18.15 -6.42 20.61
N VAL A 324 -17.38 -5.71 21.44
CA VAL A 324 -16.19 -6.31 22.04
C VAL A 324 -16.54 -7.55 22.87
N ASN A 325 -17.74 -7.60 23.42
CA ASN A 325 -18.12 -8.68 24.31
C ASN A 325 -18.69 -9.90 23.59
N THR A 326 -19.22 -9.73 22.37
CA THR A 326 -19.99 -10.79 21.74
C THR A 326 -19.53 -11.17 20.34
N ALA A 327 -18.53 -10.47 19.79
CA ALA A 327 -18.13 -10.71 18.39
C ALA A 327 -17.90 -12.19 18.14
N SER A 328 -18.46 -12.70 17.05
CA SER A 328 -18.40 -14.15 16.78
C SER A 328 -18.80 -14.43 15.33
N ASP A 329 -18.48 -15.65 14.90
CA ASP A 329 -18.95 -16.22 13.64
C ASP A 329 -18.70 -15.34 12.43
N PHE A 330 -17.62 -14.55 12.46
CA PHE A 330 -17.20 -13.70 11.34
C PHE A 330 -18.27 -12.69 10.96
N GLU A 331 -19.13 -12.34 11.92
CA GLU A 331 -20.26 -11.48 11.59
C GLU A 331 -19.83 -10.04 11.32
N ALA A 332 -18.73 -9.58 11.93
CA ALA A 332 -18.24 -8.21 11.72
C ALA A 332 -17.42 -8.16 10.44
N SER A 333 -18.13 -8.26 9.32
CA SER A 333 -17.46 -8.32 8.03
C SER A 333 -18.12 -7.35 7.06
N GLY A 334 -17.35 -6.91 6.09
CA GLY A 334 -17.84 -5.97 5.11
C GLY A 334 -16.91 -5.97 3.91
N MET A 335 -17.18 -5.06 2.99
CA MET A 335 -16.38 -4.92 1.77
C MET A 335 -16.10 -3.45 1.51
N SER A 336 -14.98 -3.16 0.84
CA SER A 336 -14.64 -1.76 0.60
C SER A 336 -13.81 -1.60 -0.66
N THR A 337 -14.13 -0.56 -1.43
CA THR A 337 -13.19 -0.10 -2.44
C THR A 337 -11.96 0.51 -1.78
N THR A 338 -10.88 0.63 -2.57
CA THR A 338 -9.66 1.24 -2.05
C THR A 338 -9.14 2.38 -2.92
N GLN A 339 -9.89 2.83 -3.92
CA GLN A 339 -9.28 3.80 -4.82
C GLN A 339 -9.09 5.15 -4.13
N LEU A 340 -8.00 5.83 -4.54
CA LEU A 340 -7.55 7.06 -3.91
C LEU A 340 -8.61 8.14 -3.96
N MET A 341 -9.44 8.15 -5.00
CA MET A 341 -10.45 9.20 -5.19
C MET A 341 -11.62 9.05 -4.25
N TYR A 342 -11.69 7.97 -3.47
CA TYR A 342 -12.79 7.75 -2.52
C TYR A 342 -12.25 7.50 -1.13
N PRO A 343 -11.59 8.50 -0.53
CA PRO A 343 -11.05 8.30 0.82
C PRO A 343 -12.17 8.12 1.84
N GLY A 344 -11.92 7.25 2.82
CA GLY A 344 -12.81 7.07 3.93
C GLY A 344 -13.91 6.04 3.72
N VAL A 345 -13.92 5.33 2.59
CA VAL A 345 -14.94 4.31 2.40
C VAL A 345 -14.80 3.21 3.44
N MET A 346 -13.58 2.74 3.68
CA MET A 346 -13.49 1.68 4.67
C MET A 346 -13.82 2.22 6.07
N ALA A 347 -13.49 3.49 6.35
CA ALA A 347 -13.95 4.13 7.59
C ALA A 347 -15.48 4.12 7.69
N HIS A 348 -16.15 4.50 6.61
CA HIS A 348 -17.61 4.53 6.57
C HIS A 348 -18.20 3.15 6.84
N GLU A 349 -17.66 2.13 6.18
CA GLU A 349 -18.17 0.76 6.38
C GLU A 349 -17.86 0.25 7.77
N LEU A 350 -16.67 0.56 8.30
CA LEU A 350 -16.36 0.24 9.69
C LEU A 350 -17.33 0.95 10.63
N GLY A 351 -17.70 2.19 10.31
CA GLY A 351 -18.75 2.85 11.08
C GLY A 351 -20.03 2.03 11.18
N HIS A 352 -20.52 1.55 10.03
CA HIS A 352 -21.72 0.69 10.02
C HIS A 352 -21.52 -0.57 10.86
N ILE A 353 -20.38 -1.24 10.68
CA ILE A 353 -20.10 -2.43 11.48
C ILE A 353 -20.21 -2.13 12.96
N LEU A 354 -19.75 -0.95 13.38
CA LEU A 354 -19.84 -0.56 14.77
C LEU A 354 -21.17 0.09 15.16
N GLY A 355 -22.16 0.13 14.25
CA GLY A 355 -23.50 0.53 14.59
C GLY A 355 -23.90 1.92 14.13
N ALA A 356 -23.06 2.62 13.40
CA ALA A 356 -23.36 4.00 13.01
C ALA A 356 -24.35 4.01 11.85
N GLU A 357 -25.40 4.83 11.98
CA GLU A 357 -26.39 5.03 10.93
C GLU A 357 -25.96 6.13 9.96
N HIS A 358 -26.57 6.11 8.78
CA HIS A 358 -26.46 7.29 7.93
C HIS A 358 -27.07 8.50 8.62
N THR A 359 -26.52 9.67 8.31
CA THR A 359 -26.98 10.94 8.83
C THR A 359 -27.33 11.89 7.69
N ASP A 360 -28.09 12.92 8.04
CA ASP A 360 -28.47 13.97 7.11
C ASP A 360 -27.41 15.05 6.97
N ASN A 361 -26.32 14.98 7.74
CA ASN A 361 -25.30 16.02 7.75
C ASN A 361 -24.30 15.73 6.63
N SER A 362 -24.30 16.59 5.61
CA SER A 362 -23.47 16.39 4.42
C SER A 362 -21.99 16.57 4.71
N LYS A 363 -21.63 16.99 5.91
CA LYS A 363 -20.24 17.09 6.33
C LYS A 363 -19.78 15.86 7.09
N ASP A 364 -20.67 14.88 7.28
CA ASP A 364 -20.36 13.72 8.10
C ASP A 364 -19.77 12.61 7.25
N LEU A 365 -18.82 11.87 7.84
CA LEU A 365 -18.32 10.63 7.24
C LEU A 365 -19.48 9.71 6.85
N MET A 366 -20.54 9.70 7.65
CA MET A 366 -21.67 8.78 7.54
C MET A 366 -22.81 9.33 6.68
N TYR A 367 -22.57 10.38 5.90
CA TYR A 367 -23.56 10.81 4.91
C TYR A 367 -23.76 9.69 3.89
N ALA A 368 -24.98 9.57 3.36
CA ALA A 368 -25.28 8.43 2.48
C ALA A 368 -24.73 8.58 1.07
N THR A 369 -24.40 9.78 0.63
CA THR A 369 -23.67 9.95 -0.61
C THR A 369 -22.23 10.33 -0.28
N PHE A 370 -21.34 10.14 -1.24
CA PHE A 370 -19.92 10.26 -0.93
C PHE A 370 -19.54 11.73 -0.76
N THR A 371 -18.92 12.05 0.37
CA THR A 371 -18.53 13.43 0.70
C THR A 371 -17.03 13.68 0.70
N GLY A 372 -16.22 12.62 0.87
CA GLY A 372 -14.81 12.78 1.11
C GLY A 372 -14.44 13.22 2.52
N TYR A 373 -15.41 13.43 3.40
CA TYR A 373 -15.07 13.74 4.78
C TYR A 373 -14.82 12.47 5.57
N LEU A 374 -14.07 12.61 6.65
CA LEU A 374 -13.44 11.47 7.30
C LEU A 374 -13.77 11.30 8.77
N SER A 375 -14.63 12.15 9.34
CA SER A 375 -14.87 12.16 10.77
C SER A 375 -16.36 11.97 11.09
N HIS A 376 -16.62 11.22 12.15
CA HIS A 376 -17.98 11.14 12.68
C HIS A 376 -18.38 12.45 13.33
N LEU A 377 -19.54 12.98 12.94
CA LEU A 377 -20.07 14.17 13.61
C LEU A 377 -21.35 13.91 14.40
N SER A 378 -22.02 12.78 14.20
CA SER A 378 -23.29 12.52 14.87
C SER A 378 -23.01 12.06 16.30
N GLU A 379 -23.58 12.77 17.27
CA GLU A 379 -23.39 12.37 18.66
C GLU A 379 -24.00 10.99 18.92
N LYS A 380 -25.14 10.70 18.28
CA LYS A 380 -25.78 9.39 18.45
C LYS A 380 -24.88 8.28 17.93
N ASN A 381 -24.33 8.47 16.73
CA ASN A 381 -23.38 7.50 16.18
C ASN A 381 -22.14 7.36 17.04
N MET A 382 -21.62 8.48 17.56
CA MET A 382 -20.43 8.43 18.39
C MET A 382 -20.67 7.59 19.64
N ASP A 383 -21.84 7.76 20.26
CA ASP A 383 -22.17 6.99 21.44
C ASP A 383 -22.33 5.50 21.12
N ILE A 384 -22.98 5.19 19.99
CA ILE A 384 -23.17 3.79 19.61
C ILE A 384 -21.83 3.12 19.37
N ILE A 385 -20.97 3.78 18.60
CA ILE A 385 -19.67 3.20 18.25
C ILE A 385 -18.87 2.92 19.51
N ALA A 386 -18.79 3.90 20.41
CA ALA A 386 -17.92 3.75 21.57
C ALA A 386 -18.47 2.70 22.52
N LYS A 387 -19.80 2.61 22.65
CA LYS A 387 -20.35 1.59 23.53
C LYS A 387 -20.04 0.20 23.02
N ASN A 388 -20.00 0.01 21.70
CA ASN A 388 -19.67 -1.31 21.16
C ASN A 388 -18.20 -1.66 21.37
N LEU A 389 -17.37 -0.67 21.71
CA LEU A 389 -15.96 -0.89 22.00
C LEU A 389 -15.66 -0.84 23.49
N GLY A 390 -16.70 -0.82 24.33
CA GLY A 390 -16.54 -1.01 25.76
C GLY A 390 -16.58 0.26 26.59
N TRP A 391 -16.80 1.41 25.95
CA TRP A 391 -16.81 2.69 26.62
C TRP A 391 -18.19 2.96 27.23
N GLU A 392 -18.20 3.74 28.30
CA GLU A 392 -19.45 4.22 28.87
C GLU A 392 -19.24 5.65 29.35
N ALA A 393 -20.33 6.41 29.38
CA ALA A 393 -20.23 7.85 29.57
C ALA A 393 -19.52 8.21 30.87
N ALA A 394 -19.66 7.36 31.90
CA ALA A 394 -18.95 7.58 33.15
C ALA A 394 -17.45 7.75 32.94
N ASP A 395 -16.89 7.09 31.93
CA ASP A 395 -15.45 7.10 31.68
C ASP A 395 -14.96 8.41 31.06
N GLY A 396 -15.85 9.27 30.60
CA GLY A 396 -15.43 10.50 30.00
C GLY A 396 -14.75 10.29 28.64
N ASP A 397 -14.08 11.35 28.19
CA ASP A 397 -13.43 11.32 26.89
C ASP A 397 -11.92 11.30 27.03
N GLN B 1 22.71 8.17 -21.89
CA GLN B 1 22.02 6.91 -22.15
C GLN B 1 22.39 5.86 -21.10
N VAL B 2 21.50 4.87 -20.94
CA VAL B 2 21.79 3.77 -20.03
C VAL B 2 22.94 2.96 -20.61
N GLN B 3 23.96 2.71 -19.79
CA GLN B 3 25.06 1.81 -20.20
C GLN B 3 25.24 0.72 -19.17
N LEU B 4 25.29 -0.51 -19.67
CA LEU B 4 25.46 -1.73 -18.87
C LEU B 4 26.52 -2.56 -19.56
N GLN B 5 27.50 -3.06 -18.81
CA GLN B 5 28.56 -3.85 -19.43
C GLN B 5 28.90 -5.04 -18.56
N GLU B 6 28.63 -6.24 -19.09
CA GLU B 6 28.88 -7.51 -18.42
C GLU B 6 30.32 -7.95 -18.61
N SER B 7 30.82 -8.69 -17.63
CA SER B 7 32.16 -9.25 -17.73
C SER B 7 32.18 -10.47 -16.82
N GLY B 8 33.23 -11.28 -16.97
CA GLY B 8 33.44 -12.43 -16.11
C GLY B 8 33.04 -13.76 -16.72
N GLY B 9 32.50 -13.76 -17.93
CA GLY B 9 32.21 -15.00 -18.63
C GLY B 9 33.47 -15.77 -18.96
N GLY B 10 33.26 -17.03 -19.31
CA GLY B 10 34.36 -17.88 -19.70
C GLY B 10 33.90 -19.30 -19.89
N LEU B 11 34.86 -20.18 -20.12
CA LEU B 11 34.59 -21.60 -20.28
C LEU B 11 35.03 -22.33 -19.02
N VAL B 12 34.13 -23.15 -18.46
CA VAL B 12 34.47 -23.99 -17.32
C VAL B 12 34.01 -25.41 -17.62
N GLN B 13 34.48 -26.33 -16.82
CA GLN B 13 34.02 -27.70 -16.85
C GLN B 13 32.84 -27.84 -15.91
N PRO B 14 32.04 -28.91 -16.04
CA PRO B 14 30.92 -29.08 -15.10
C PRO B 14 31.40 -29.06 -13.66
N GLY B 15 30.59 -28.48 -12.79
CA GLY B 15 30.97 -28.26 -11.41
C GLY B 15 31.79 -27.02 -11.16
N GLY B 16 32.18 -26.30 -12.20
CA GLY B 16 32.97 -25.10 -12.04
C GLY B 16 32.16 -23.92 -11.51
N SER B 17 32.87 -22.81 -11.32
CA SER B 17 32.29 -21.56 -10.84
C SER B 17 32.76 -20.41 -11.70
N LEU B 18 31.91 -19.37 -11.77
CA LEU B 18 32.25 -18.12 -12.42
C LEU B 18 31.54 -17.03 -11.64
N ARG B 19 32.07 -15.82 -11.69
CA ARG B 19 31.41 -14.65 -11.11
CA ARG B 19 31.41 -14.65 -11.11
C ARG B 19 31.25 -13.60 -12.19
N LEU B 20 30.00 -13.27 -12.51
CA LEU B 20 29.74 -12.23 -13.51
C LEU B 20 29.60 -10.89 -12.82
N SER B 21 30.02 -9.83 -13.53
CA SER B 21 29.91 -8.46 -13.05
C SER B 21 29.25 -7.63 -14.13
N CYS B 22 28.49 -6.61 -13.71
CA CYS B 22 27.76 -5.75 -14.64
C CYS B 22 27.95 -4.32 -14.17
N ALA B 23 28.70 -3.52 -14.93
CA ALA B 23 28.92 -2.12 -14.56
C ALA B 23 27.84 -1.25 -15.17
N ALA B 24 27.17 -0.45 -14.34
CA ALA B 24 26.03 0.34 -14.73
C ALA B 24 26.35 1.84 -14.67
N SER B 25 25.81 2.59 -15.62
CA SER B 25 25.90 4.05 -15.57
C SER B 25 24.80 4.62 -16.45
N GLY B 26 24.59 5.92 -16.31
CA GLY B 26 23.56 6.58 -17.09
C GLY B 26 22.18 6.55 -16.49
N PHE B 27 22.04 6.03 -15.27
CA PHE B 27 20.80 6.03 -14.55
C PHE B 27 21.13 5.87 -13.07
N THR B 28 20.16 6.15 -12.22
CA THR B 28 20.39 6.08 -10.78
C THR B 28 20.21 4.62 -10.36
N PHE B 29 21.28 3.87 -10.57
CA PHE B 29 21.33 2.43 -10.32
C PHE B 29 20.66 2.02 -9.01
N SER B 30 20.98 2.76 -7.94
CA SER B 30 20.55 2.36 -6.60
C SER B 30 19.04 2.39 -6.42
N ARG B 31 18.29 3.03 -7.32
CA ARG B 31 16.83 3.07 -7.23
C ARG B 31 16.14 1.96 -8.02
N TYR B 32 16.88 1.13 -8.77
CA TYR B 32 16.28 0.25 -9.76
C TYR B 32 16.31 -1.21 -9.36
N THR B 33 15.20 -1.91 -9.59
CA THR B 33 15.28 -3.37 -9.67
C THR B 33 16.13 -3.76 -10.88
N MET B 34 16.98 -4.77 -10.70
CA MET B 34 17.90 -5.25 -11.74
C MET B 34 17.76 -6.74 -11.97
N THR B 35 18.18 -7.18 -13.16
CA THR B 35 17.91 -8.52 -13.65
C THR B 35 19.12 -9.11 -14.35
N TRP B 36 19.34 -10.41 -14.14
CA TRP B 36 20.13 -11.22 -15.06
C TRP B 36 19.21 -12.10 -15.89
N VAL B 37 19.47 -12.11 -17.20
CA VAL B 37 18.85 -13.04 -18.15
C VAL B 37 19.97 -13.73 -18.94
N ARG B 38 19.60 -14.81 -19.61
CA ARG B 38 20.55 -15.53 -20.44
C ARG B 38 19.86 -16.06 -21.69
N GLN B 39 20.62 -16.22 -22.77
CA GLN B 39 20.07 -16.78 -24.01
C GLN B 39 21.02 -17.80 -24.60
N ALA B 40 20.56 -18.97 -24.74
CA ALA B 40 21.29 -20.05 -25.37
C ALA B 40 21.08 -20.00 -26.88
N PRO B 41 22.07 -20.42 -27.67
CA PRO B 41 21.94 -20.27 -29.13
C PRO B 41 20.71 -20.99 -29.66
N GLY B 42 19.94 -20.28 -30.47
CA GLY B 42 18.69 -20.80 -31.00
C GLY B 42 17.62 -21.07 -29.98
N LYS B 43 17.66 -20.44 -28.81
CA LYS B 43 16.67 -20.69 -27.77
C LYS B 43 16.10 -19.36 -27.30
N GLY B 44 15.02 -19.43 -26.53
CA GLY B 44 14.39 -18.22 -26.03
C GLY B 44 15.14 -17.60 -24.86
N LEU B 45 14.97 -16.29 -24.71
CA LEU B 45 15.60 -15.59 -23.59
C LEU B 45 15.01 -16.08 -22.28
N GLU B 46 15.88 -16.42 -21.32
CA GLU B 46 15.45 -17.05 -20.08
C GLU B 46 15.83 -16.16 -18.91
N TRP B 47 14.84 -15.80 -18.09
CA TRP B 47 15.09 -15.05 -16.86
C TRP B 47 15.88 -15.89 -15.87
N VAL B 48 16.89 -15.28 -15.25
CA VAL B 48 17.72 -15.96 -14.27
C VAL B 48 17.45 -15.45 -12.85
N SER B 49 17.47 -14.13 -12.64
CA SER B 49 17.36 -13.69 -11.27
C SER B 49 17.07 -12.18 -11.23
N ASN B 50 16.35 -11.76 -10.19
CA ASN B 50 16.05 -10.35 -9.92
C ASN B 50 16.60 -9.95 -8.57
N ILE B 51 16.94 -8.67 -8.41
CA ILE B 51 17.31 -8.10 -7.13
C ILE B 51 16.71 -6.71 -7.03
N ASN B 52 16.12 -6.39 -5.87
CA ASN B 52 15.52 -5.07 -5.76
C ASN B 52 16.58 -4.02 -5.45
N SER B 53 16.15 -2.74 -5.45
CA SER B 53 17.04 -1.59 -5.33
C SER B 53 18.12 -1.75 -4.28
N ASP B 54 17.75 -2.11 -3.05
CA ASP B 54 18.73 -2.16 -1.96
C ASP B 54 19.24 -3.56 -1.67
N GLY B 55 18.90 -4.55 -2.50
CA GLY B 55 19.46 -5.87 -2.32
C GLY B 55 18.77 -6.69 -1.26
N GLY B 56 17.76 -6.15 -0.59
CA GLY B 56 17.07 -6.87 0.47
C GLY B 56 16.16 -7.96 -0.02
N ARG B 57 15.79 -7.93 -1.31
CA ARG B 57 14.92 -8.96 -1.87
C ARG B 57 15.50 -9.49 -3.17
N THR B 58 15.56 -10.82 -3.27
CA THR B 58 16.12 -11.49 -4.43
C THR B 58 15.18 -12.61 -4.87
N TYR B 59 15.23 -12.90 -6.17
CA TYR B 59 14.34 -13.88 -6.79
C TYR B 59 15.14 -14.68 -7.80
N TYR B 60 14.81 -15.97 -7.94
CA TYR B 60 15.61 -16.86 -8.78
C TYR B 60 14.73 -17.77 -9.61
N ALA B 61 15.17 -18.06 -10.84
CA ALA B 61 14.54 -19.12 -11.60
C ALA B 61 14.76 -20.45 -10.88
N ASP B 62 13.76 -21.34 -10.97
CA ASP B 62 13.88 -22.64 -10.29
C ASP B 62 15.15 -23.38 -10.71
N SER B 63 15.55 -23.24 -11.97
CA SER B 63 16.68 -24.01 -12.46
C SER B 63 18.02 -23.56 -11.87
N VAL B 64 18.10 -22.37 -11.26
CA VAL B 64 19.38 -21.90 -10.73
C VAL B 64 19.36 -21.70 -9.21
N LYS B 65 18.22 -21.90 -8.56
CA LYS B 65 18.11 -21.73 -7.11
C LYS B 65 19.14 -22.59 -6.38
N GLY B 66 19.82 -21.98 -5.40
CA GLY B 66 20.85 -22.66 -4.63
C GLY B 66 22.20 -22.74 -5.30
N ARG B 67 22.27 -22.52 -6.61
CA ARG B 67 23.55 -22.53 -7.31
C ARG B 67 24.04 -21.12 -7.62
N PHE B 68 23.12 -20.21 -7.95
CA PHE B 68 23.44 -18.85 -8.35
C PHE B 68 23.01 -17.88 -7.26
N THR B 69 23.82 -16.86 -7.03
CA THR B 69 23.48 -15.81 -6.08
C THR B 69 23.66 -14.45 -6.75
N ILE B 70 22.59 -13.66 -6.76
CA ILE B 70 22.64 -12.30 -7.27
C ILE B 70 22.96 -11.37 -6.11
N SER B 71 23.71 -10.31 -6.40
CA SER B 71 24.01 -9.28 -5.41
C SER B 71 24.37 -7.99 -6.15
N ARG B 72 24.55 -6.92 -5.38
CA ARG B 72 24.87 -5.63 -5.98
C ARG B 72 25.65 -4.79 -4.99
N ASP B 73 26.38 -3.82 -5.53
CA ASP B 73 27.11 -2.86 -4.72
C ASP B 73 26.68 -1.50 -5.26
N ASN B 74 25.82 -0.81 -4.51
CA ASN B 74 25.25 0.44 -5.00
C ASN B 74 26.24 1.59 -4.95
N THR B 75 27.31 1.45 -4.18
CA THR B 75 28.35 2.47 -4.19
C THR B 75 29.21 2.38 -5.45
N LYS B 76 29.56 1.17 -5.89
CA LYS B 76 30.28 1.00 -7.16
C LYS B 76 29.37 0.87 -8.36
N ASN B 77 28.05 0.92 -8.19
CA ASN B 77 27.10 0.80 -9.28
C ASN B 77 27.35 -0.47 -10.10
N THR B 78 27.46 -1.59 -9.40
CA THR B 78 27.79 -2.86 -10.04
C THR B 78 26.83 -3.96 -9.57
N LEU B 79 26.40 -4.78 -10.52
CA LEU B 79 25.55 -5.95 -10.26
C LEU B 79 26.38 -7.22 -10.44
N TYR B 80 26.12 -8.25 -9.61
CA TYR B 80 26.92 -9.48 -9.64
C TYR B 80 26.05 -10.72 -9.78
N LEU B 81 26.61 -11.76 -10.38
CA LEU B 81 26.01 -13.10 -10.38
C LEU B 81 27.09 -14.11 -10.05
N GLN B 82 27.02 -14.66 -8.84
CA GLN B 82 27.94 -15.72 -8.43
C GLN B 82 27.34 -17.05 -8.87
N MET B 83 28.05 -17.76 -9.76
CA MET B 83 27.55 -18.98 -10.40
C MET B 83 28.41 -20.16 -9.94
N ASN B 84 27.84 -20.98 -9.06
CA ASN B 84 28.50 -22.21 -8.62
C ASN B 84 27.83 -23.43 -9.23
N SER B 85 28.52 -24.58 -9.13
CA SER B 85 27.96 -25.86 -9.57
C SER B 85 27.44 -25.80 -11.01
N LEU B 86 28.28 -25.28 -11.90
CA LEU B 86 27.82 -25.03 -13.27
C LEU B 86 27.57 -26.34 -14.01
N LYS B 87 26.58 -26.32 -14.88
CA LYS B 87 26.12 -27.46 -15.66
C LYS B 87 26.12 -27.08 -17.14
N PRO B 88 26.20 -28.07 -18.04
CA PRO B 88 26.19 -27.74 -19.48
C PRO B 88 25.00 -26.91 -19.91
N GLU B 89 23.82 -27.12 -19.30
CA GLU B 89 22.66 -26.36 -19.72
C GLU B 89 22.69 -24.90 -19.23
N ASP B 90 23.67 -24.52 -18.42
CA ASP B 90 23.88 -23.11 -18.12
C ASP B 90 24.62 -22.37 -19.23
N THR B 91 25.03 -23.04 -20.29
CA THR B 91 25.74 -22.39 -21.39
C THR B 91 24.81 -21.40 -22.07
N ALA B 92 25.28 -20.15 -22.20
CA ALA B 92 24.47 -19.08 -22.80
C ALA B 92 25.29 -17.79 -22.80
N VAL B 93 24.79 -16.80 -23.52
CA VAL B 93 25.22 -15.42 -23.28
C VAL B 93 24.41 -14.88 -22.11
N TYR B 94 25.07 -14.29 -21.13
CA TYR B 94 24.39 -13.73 -19.99
C TYR B 94 24.34 -12.20 -20.12
N TYR B 95 23.18 -11.62 -19.81
CA TYR B 95 22.99 -10.18 -19.89
C TYR B 95 22.48 -9.67 -18.56
N CYS B 96 22.97 -8.51 -18.14
CA CYS B 96 22.26 -7.75 -17.13
C CYS B 96 21.33 -6.76 -17.81
N ALA B 97 20.20 -6.47 -17.14
CA ALA B 97 19.12 -5.77 -17.80
C ALA B 97 18.29 -5.02 -16.78
N ILE B 98 17.65 -3.94 -17.24
CA ILE B 98 16.66 -3.21 -16.46
C ILE B 98 15.28 -3.74 -16.88
N PRO B 99 14.55 -4.43 -16.02
CA PRO B 99 13.19 -4.85 -16.41
C PRO B 99 12.27 -3.65 -16.42
N LYS B 100 11.26 -3.70 -17.28
CA LYS B 100 10.29 -2.61 -17.34
C LYS B 100 9.48 -2.51 -16.05
N ARG B 101 9.17 -3.64 -15.45
CA ARG B 101 8.39 -3.69 -14.22
C ARG B 101 9.10 -4.57 -13.21
N THR B 102 8.61 -4.60 -11.98
CA THR B 102 9.24 -5.37 -10.93
C THR B 102 8.77 -6.82 -10.85
N TYR B 103 7.70 -7.20 -11.57
CA TYR B 103 7.12 -8.52 -11.39
C TYR B 103 8.02 -9.61 -11.97
N VAL B 104 7.96 -10.79 -11.36
CA VAL B 104 8.81 -11.89 -11.78
C VAL B 104 7.93 -13.02 -12.30
N PRO B 105 8.37 -13.74 -13.34
CA PRO B 105 9.61 -13.48 -14.07
C PRO B 105 9.39 -12.44 -15.16
N PRO B 106 10.28 -11.46 -15.30
CA PRO B 106 10.08 -10.46 -16.37
C PRO B 106 10.38 -11.09 -17.73
N SER B 107 9.66 -10.61 -18.74
CA SER B 107 10.00 -10.86 -20.14
C SER B 107 10.24 -9.57 -20.92
N GLN B 108 9.91 -8.41 -20.36
CA GLN B 108 10.06 -7.12 -21.02
C GLN B 108 11.11 -6.29 -20.31
N PHE B 109 12.05 -5.73 -21.09
CA PHE B 109 13.20 -5.01 -20.54
C PHE B 109 13.42 -3.69 -21.26
N ASP B 110 13.96 -2.71 -20.53
CA ASP B 110 14.24 -1.39 -21.09
C ASP B 110 15.59 -1.30 -21.78
N ASP B 111 16.63 -1.81 -21.14
CA ASP B 111 17.95 -1.86 -21.75
C ASP B 111 18.65 -3.09 -21.20
N ARG B 112 19.63 -3.53 -21.96
CA ARG B 112 20.40 -4.75 -21.80
C ARG B 112 21.84 -4.34 -22.02
N GLY B 113 22.80 -5.06 -21.40
CA GLY B 113 24.17 -4.92 -21.83
C GLY B 113 24.45 -5.74 -23.10
N GLN B 114 25.69 -5.67 -23.57
CA GLN B 114 26.04 -6.40 -24.78
C GLN B 114 26.28 -7.89 -24.51
N GLY B 115 26.44 -8.29 -23.26
CA GLY B 115 26.49 -9.71 -22.96
C GLY B 115 27.88 -10.25 -22.71
N THR B 116 27.96 -11.32 -21.92
CA THR B 116 29.20 -12.05 -21.69
C THR B 116 28.92 -13.54 -21.85
N GLN B 117 29.82 -14.24 -22.53
CA GLN B 117 29.60 -15.64 -22.88
C GLN B 117 30.01 -16.57 -21.74
N VAL B 118 29.12 -17.50 -21.38
CA VAL B 118 29.39 -18.55 -20.39
C VAL B 118 29.27 -19.88 -21.09
N THR B 119 30.32 -20.71 -21.04
CA THR B 119 30.30 -22.03 -21.66
C THR B 119 30.69 -23.08 -20.63
N VAL B 120 29.87 -24.11 -20.51
CA VAL B 120 30.14 -25.24 -19.64
C VAL B 120 30.19 -26.48 -20.53
N SER B 121 31.37 -27.07 -20.69
CA SER B 121 31.51 -28.20 -21.58
C SER B 121 30.91 -29.46 -20.96
N SER B 122 30.67 -30.46 -21.80
CA SER B 122 30.19 -31.76 -21.38
C SER B 122 31.02 -32.85 -22.05
N HIS B 123 31.18 -33.99 -21.36
CA HIS B 123 32.03 -35.04 -21.87
C HIS B 123 31.42 -36.43 -21.65
N HIS B 124 30.09 -36.51 -21.67
CA HIS B 124 29.40 -37.79 -21.47
C HIS B 124 28.41 -38.07 -22.60
#